data_3T2Y
#
_entry.id   3T2Y
#
_cell.length_a   150.070
_cell.length_b   150.070
_cell.length_c   81.860
_cell.angle_alpha   90.00
_cell.angle_beta   90.00
_cell.angle_gamma   120.00
#
_symmetry.space_group_name_H-M   'P 62 2 2'
#
loop_
_entity.id
_entity.type
_entity.pdbx_description
1 polymer 'Sulfide-quinone reductase, putative'
2 non-polymer 'FLAVIN-ADENINE DINUCLEOTIDE'
3 non-polymer DODECYL-BETA-D-MALTOSIDE
4 non-polymer 'HYDROSULFURIC ACID'
5 non-polymer 'Hydrogen disulfide'
6 water water
#
_entity_poly.entity_id   1
_entity_poly.type   'polypeptide(L)'
_entity_poly.pdbx_seq_one_letter_code
;MAHVVILGAGTGGMPAAYEMKEALGSGHEVTLISANDYFQFVPSNPWVGVGWKERDDIAFPIRHYVERKGIHFIAQSAEQ
IDAEAQNITLADGNTVHYDYLMIATGPKLAFENVPGSDPHEGPVQSICTVDAAERAFAEYQALLREPGPIVIGAMAGASC
FGPAYEYAMIVASDLKKRGMRDKIPSFTFITSEPYIGHLGIQGVGDSKGILTKGLKEEGIEAYTNCKVTKVEDNKMYVTQ
VDEKGETIKEMVLPVKFGMMIPAFKGVPAVAGVEGLCNPGGFVLVDEHQRSKKYANIFAAGIAIAIPPVETTPVPTGAPK
TGYMIESMVSAAVHNIKADLEGRKGEQTMGTWNAVCFADMGDRGAAFIALPQLKPRKVDVFAYGRWVHLAKVAFEKYFIR
KMKMGVSEPFYEKVLFKMMGITRLKEEDTHRKAS
;
_entity_poly.pdbx_strand_id   A
#
loop_
_chem_comp.id
_chem_comp.type
_chem_comp.name
_chem_comp.formula
FAD non-polymer 'FLAVIN-ADENINE DINUCLEOTIDE' 'C27 H33 N9 O15 P2'
H2S non-polymer 'HYDROSULFURIC ACID' 'H2 S'
LMT D-saccharide DODECYL-BETA-D-MALTOSIDE 'C24 H46 O11'
S2H non-polymer 'Hydrogen disulfide' 'H2 S2'
#
# COMPACT_ATOMS: atom_id res chain seq x y z
N MET A 1 27.85 20.65 8.46
CA MET A 1 26.40 20.61 8.32
C MET A 1 25.97 19.73 7.14
N ALA A 2 24.82 19.09 7.26
CA ALA A 2 24.35 18.16 6.23
C ALA A 2 22.92 18.46 5.73
N HIS A 3 22.67 18.15 4.47
CA HIS A 3 21.34 18.25 3.92
C HIS A 3 20.70 16.87 3.75
N VAL A 4 19.68 16.61 4.56
CA VAL A 4 18.94 15.35 4.48
C VAL A 4 17.63 15.54 3.73
N VAL A 5 17.44 14.75 2.67
CA VAL A 5 16.19 14.83 1.93
C VAL A 5 15.39 13.55 2.07
N ILE A 6 14.12 13.71 2.43
CA ILE A 6 13.20 12.59 2.48
C ILE A 6 12.23 12.70 1.30
N LEU A 7 12.25 11.68 0.46
CA LEU A 7 11.42 11.64 -0.74
C LEU A 7 10.11 10.88 -0.51
N GLY A 8 8.99 11.55 -0.73
CA GLY A 8 7.67 10.94 -0.57
C GLY A 8 7.08 11.14 0.81
N ALA A 9 6.03 11.95 0.90
CA ALA A 9 5.36 12.20 2.18
C ALA A 9 4.13 11.29 2.34
N GLY A 10 4.40 10.00 2.55
CA GLY A 10 3.36 9.04 2.83
C GLY A 10 3.47 8.51 4.25
N THR A 11 3.20 7.23 4.44
CA THR A 11 3.12 6.66 5.79
C THR A 11 4.47 6.62 6.51
N GLY A 12 5.52 6.30 5.79
CA GLY A 12 6.86 6.36 6.35
C GLY A 12 7.52 7.72 6.19
N GLY A 13 7.11 8.46 5.14
CA GLY A 13 7.75 9.71 4.78
C GLY A 13 7.43 10.90 5.66
N MET A 14 6.14 11.10 5.94
CA MET A 14 5.69 12.17 6.83
C MET A 14 6.28 12.06 8.23
N PRO A 15 6.34 10.84 8.77
CA PRO A 15 6.98 10.68 10.07
C PRO A 15 8.48 10.82 9.97
N ALA A 16 9.09 10.21 8.96
CA ALA A 16 10.54 10.25 8.83
C ALA A 16 11.02 11.70 8.88
N ALA A 17 10.24 12.60 8.30
CA ALA A 17 10.61 14.00 8.22
C ALA A 17 10.56 14.65 9.59
N TYR A 18 9.46 14.48 10.30
CA TYR A 18 9.35 15.01 11.64
C TYR A 18 10.50 14.49 12.51
N GLU A 19 10.75 13.18 12.45
CA GLU A 19 11.78 12.54 13.25
C GLU A 19 13.17 13.00 12.86
N MET A 20 13.47 12.91 11.57
CA MET A 20 14.76 13.32 11.06
C MET A 20 15.11 14.71 11.61
N LYS A 21 14.16 15.64 11.50
CA LYS A 21 14.37 17.00 11.98
C LYS A 21 14.66 17.03 13.48
N GLU A 22 13.92 16.22 14.23
CA GLU A 22 14.11 16.09 15.67
C GLU A 22 15.53 15.62 16.01
N ALA A 23 15.91 14.48 15.42
CA ALA A 23 17.22 13.86 15.67
C ALA A 23 18.40 14.77 15.36
N LEU A 24 18.31 15.53 14.26
CA LEU A 24 19.42 16.32 13.76
C LEU A 24 19.47 17.70 14.39
N GLY A 25 18.31 18.33 14.51
CA GLY A 25 18.22 19.66 15.11
C GLY A 25 18.52 20.81 14.18
N SER A 26 18.48 22.02 14.73
CA SER A 26 18.77 23.24 13.96
C SER A 26 20.10 23.18 13.22
N GLY A 27 20.91 22.17 13.53
CA GLY A 27 22.21 22.01 12.90
C GLY A 27 22.18 21.60 11.43
N HIS A 28 21.12 20.92 10.99
CA HIS A 28 21.10 20.41 9.61
C HIS A 28 19.81 20.73 8.85
N GLU A 29 19.89 20.66 7.52
CA GLU A 29 18.78 20.98 6.63
C GLU A 29 17.92 19.74 6.35
N VAL A 30 16.63 19.78 6.67
CA VAL A 30 15.75 18.65 6.32
C VAL A 30 14.69 19.03 5.28
N THR A 31 14.69 18.30 4.16
CA THR A 31 13.78 18.60 3.06
C THR A 31 12.91 17.40 2.74
N LEU A 32 11.59 17.61 2.73
CA LEU A 32 10.62 16.60 2.34
C LEU A 32 10.09 16.90 0.94
N ILE A 33 10.33 15.98 0.00
CA ILE A 33 9.83 16.14 -1.37
C ILE A 33 8.79 15.08 -1.67
N SER A 34 7.63 15.52 -2.15
CA SER A 34 6.54 14.60 -2.48
C SER A 34 5.71 15.06 -3.67
N ALA A 35 5.22 14.07 -4.43
CA ALA A 35 4.40 14.31 -5.61
C ALA A 35 3.14 15.12 -5.31
N ASN A 36 2.49 14.82 -4.19
CA ASN A 36 1.27 15.53 -3.81
C ASN A 36 1.53 16.50 -2.67
N ASP A 37 0.70 17.54 -2.60
CA ASP A 37 0.89 18.59 -1.59
C ASP A 37 0.15 18.31 -0.29
N TYR A 38 -0.53 17.17 -0.23
CA TYR A 38 -1.29 16.79 0.95
C TYR A 38 -0.95 15.37 1.35
N PHE A 39 -1.24 15.07 2.61
CA PHE A 39 -1.01 13.74 3.14
C PHE A 39 -2.33 12.97 3.10
N GLN A 40 -2.26 11.65 2.97
CA GLN A 40 -3.48 10.86 3.02
C GLN A 40 -3.36 9.58 3.87
N PHE A 41 -4.34 9.36 4.72
CA PHE A 41 -4.43 8.10 5.46
C PHE A 41 -4.97 6.96 4.58
N VAL A 42 -4.05 6.22 3.98
CA VAL A 42 -4.35 5.12 3.07
C VAL A 42 -5.44 4.12 3.55
N PRO A 43 -5.30 3.61 4.78
CA PRO A 43 -6.22 2.59 5.29
C PRO A 43 -7.67 2.97 5.15
N SER A 44 -7.94 4.26 5.00
CA SER A 44 -9.31 4.76 4.92
C SER A 44 -9.84 4.81 3.49
N ASN A 45 -9.06 4.35 2.54
CA ASN A 45 -9.43 4.56 1.13
C ASN A 45 -10.62 3.72 0.67
N PRO A 46 -10.61 2.40 0.97
CA PRO A 46 -11.81 1.61 0.66
C PRO A 46 -13.11 2.26 1.13
N TRP A 47 -13.07 2.95 2.28
CA TRP A 47 -14.27 3.64 2.72
C TRP A 47 -14.66 4.83 1.83
N VAL A 48 -13.66 5.57 1.35
CA VAL A 48 -13.93 6.61 0.37
C VAL A 48 -14.53 5.93 -0.85
N GLY A 49 -13.92 4.79 -1.23
CA GLY A 49 -14.28 4.05 -2.43
C GLY A 49 -15.71 3.56 -2.50
N VAL A 50 -16.34 3.40 -1.35
CA VAL A 50 -17.75 3.05 -1.30
C VAL A 50 -18.59 4.23 -0.85
N GLY A 51 -17.93 5.32 -0.47
CA GLY A 51 -18.62 6.55 -0.11
C GLY A 51 -19.01 6.69 1.36
N TRP A 52 -18.20 6.15 2.26
CA TRP A 52 -18.47 6.29 3.69
C TRP A 52 -17.63 7.40 4.32
N LYS A 53 -16.54 7.76 3.65
CA LYS A 53 -15.73 8.89 4.08
C LYS A 53 -15.50 9.83 2.91
N GLU A 54 -15.38 11.12 3.21
CA GLU A 54 -15.02 12.11 2.20
C GLU A 54 -13.51 12.28 2.21
N ARG A 55 -12.97 12.81 1.12
CA ARG A 55 -11.54 13.12 1.03
C ARG A 55 -11.13 13.98 2.23
N ASP A 56 -11.91 15.02 2.49
CA ASP A 56 -11.60 15.98 3.55
C ASP A 56 -11.54 15.35 4.95
N ASP A 57 -11.90 14.07 5.04
CA ASP A 57 -11.86 13.36 6.30
C ASP A 57 -10.51 12.70 6.53
N ILE A 58 -9.83 12.31 5.46
CA ILE A 58 -8.64 11.49 5.59
C ILE A 58 -7.39 12.08 4.93
N ALA A 59 -7.42 13.38 4.64
CA ALA A 59 -6.28 14.03 4.00
C ALA A 59 -6.24 15.51 4.33
N PHE A 60 -5.03 16.08 4.26
CA PHE A 60 -4.81 17.49 4.60
C PHE A 60 -3.50 18.01 3.99
N PRO A 61 -3.38 19.34 3.87
CA PRO A 61 -2.19 20.00 3.30
C PRO A 61 -0.94 19.80 4.16
N ILE A 62 0.11 19.24 3.58
CA ILE A 62 1.37 18.99 4.29
C ILE A 62 2.09 20.28 4.72
N ARG A 63 2.34 21.16 3.75
CA ARG A 63 3.11 22.39 3.91
C ARG A 63 3.17 23.06 5.29
N HIS A 64 2.11 23.74 5.69
CA HIS A 64 2.12 24.47 6.95
C HIS A 64 2.70 23.63 8.09
N TYR A 65 2.15 22.43 8.28
CA TYR A 65 2.49 21.57 9.40
C TYR A 65 3.97 21.21 9.54
N VAL A 66 4.65 20.98 8.43
CA VAL A 66 6.06 20.61 8.50
C VAL A 66 6.95 21.83 8.56
N GLU A 67 6.55 22.91 7.92
CA GLU A 67 7.36 24.13 7.89
C GLU A 67 7.43 24.79 9.26
N ARG A 68 6.34 24.68 10.02
CA ARG A 68 6.32 25.17 11.39
C ARG A 68 7.26 24.33 12.24
N LYS A 69 7.82 23.28 11.64
CA LYS A 69 8.74 22.39 12.36
C LYS A 69 10.17 22.44 11.82
N GLY A 70 10.47 23.46 11.01
CA GLY A 70 11.79 23.64 10.46
C GLY A 70 12.08 22.83 9.20
N ILE A 71 11.08 22.07 8.74
CA ILE A 71 11.23 21.23 7.55
C ILE A 71 10.80 21.95 6.29
N HIS A 72 11.65 21.96 5.27
CA HIS A 72 11.28 22.52 3.97
C HIS A 72 10.52 21.45 3.15
N PHE A 73 9.49 21.88 2.42
CA PHE A 73 8.62 20.98 1.69
C PHE A 73 8.44 21.35 0.20
N ILE A 74 8.64 20.39 -0.70
CA ILE A 74 8.43 20.65 -2.11
C ILE A 74 7.37 19.74 -2.73
N ALA A 75 6.20 20.33 -3.01
CA ALA A 75 5.11 19.64 -3.69
C ALA A 75 5.45 19.42 -5.16
N GLN A 76 6.35 18.48 -5.42
CA GLN A 76 6.88 18.27 -6.75
C GLN A 76 7.36 16.85 -6.85
N SER A 77 7.11 16.21 -7.98
CA SER A 77 7.55 14.85 -8.18
C SER A 77 9.03 14.77 -8.64
N ALA A 78 9.80 13.88 -7.99
CA ALA A 78 11.14 13.57 -8.44
C ALA A 78 11.08 12.82 -9.76
N GLU A 79 11.61 13.43 -10.81
CA GLU A 79 11.63 12.78 -12.11
C GLU A 79 12.89 11.95 -12.25
N GLN A 80 13.96 12.43 -11.64
CA GLN A 80 15.28 11.82 -11.85
C GLN A 80 16.11 11.85 -10.58
N ILE A 81 16.91 10.80 -10.39
CA ILE A 81 17.85 10.77 -9.29
C ILE A 81 19.22 10.38 -9.77
N ASP A 82 20.19 11.28 -9.64
CA ASP A 82 21.59 10.97 -9.90
C ASP A 82 22.29 10.63 -8.57
N ALA A 83 22.51 9.34 -8.33
CA ALA A 83 23.17 8.92 -7.10
C ALA A 83 24.66 9.30 -7.08
N GLU A 84 25.21 9.57 -8.27
CA GLU A 84 26.60 9.99 -8.39
C GLU A 84 26.78 11.43 -7.90
N ALA A 85 26.17 12.35 -8.64
CA ALA A 85 26.24 13.76 -8.31
C ALA A 85 25.43 14.06 -7.06
N GLN A 86 24.54 13.13 -6.71
CA GLN A 86 23.65 13.31 -5.58
C GLN A 86 22.73 14.50 -5.79
N ASN A 87 22.19 14.57 -7.00
CA ASN A 87 21.16 15.53 -7.36
C ASN A 87 19.83 14.87 -7.69
N ILE A 88 18.74 15.56 -7.35
CA ILE A 88 17.43 15.12 -7.74
C ILE A 88 16.85 16.12 -8.73
N THR A 89 16.49 15.65 -9.91
CA THR A 89 15.77 16.50 -10.84
C THR A 89 14.26 16.42 -10.57
N LEU A 90 13.66 17.60 -10.39
CA LEU A 90 12.25 17.68 -10.13
C LEU A 90 11.43 17.64 -11.41
N ALA A 91 10.13 17.68 -11.22
CA ALA A 91 9.19 17.67 -12.32
C ALA A 91 9.38 18.95 -13.12
N ASP A 92 9.58 20.05 -12.42
CA ASP A 92 9.64 21.36 -13.04
C ASP A 92 11.02 21.65 -13.63
N GLY A 93 11.89 20.65 -13.61
CA GLY A 93 13.23 20.80 -14.15
C GLY A 93 14.28 21.33 -13.19
N ASN A 94 13.84 21.89 -12.06
CA ASN A 94 14.74 22.32 -11.00
C ASN A 94 15.45 21.11 -10.42
N THR A 95 16.62 21.31 -9.83
CA THR A 95 17.33 20.19 -9.24
C THR A 95 17.62 20.47 -7.79
N VAL A 96 17.92 19.42 -7.05
CA VAL A 96 18.10 19.51 -5.61
C VAL A 96 19.22 18.59 -5.18
N HIS A 97 20.19 19.15 -4.46
CA HIS A 97 21.34 18.37 -4.03
C HIS A 97 21.05 17.81 -2.65
N TYR A 98 21.65 16.66 -2.34
CA TYR A 98 21.53 16.11 -0.99
C TYR A 98 22.85 15.53 -0.53
N ASP A 99 22.98 15.42 0.78
CA ASP A 99 24.12 14.76 1.36
C ASP A 99 23.71 13.35 1.69
N TYR A 100 22.55 13.24 2.35
CA TYR A 100 21.93 11.95 2.58
C TYR A 100 20.52 11.93 2.00
N LEU A 101 20.16 10.78 1.43
CA LEU A 101 18.85 10.64 0.80
C LEU A 101 18.05 9.55 1.47
N MET A 102 16.80 9.86 1.79
CA MET A 102 15.90 8.85 2.35
C MET A 102 14.67 8.62 1.49
N ILE A 103 14.63 7.45 0.87
CA ILE A 103 13.57 7.12 -0.07
C ILE A 103 12.37 6.51 0.64
N ALA A 104 11.22 7.18 0.52
CA ALA A 104 9.94 6.71 1.06
C ALA A 104 8.81 6.90 0.04
N THR A 105 9.04 6.41 -1.17
CA THR A 105 8.13 6.66 -2.29
C THR A 105 6.93 5.70 -2.40
N GLY A 106 6.85 4.73 -1.50
CA GLY A 106 5.78 3.75 -1.56
C GLY A 106 5.75 2.99 -2.87
N PRO A 107 4.55 2.72 -3.40
CA PRO A 107 4.48 1.84 -4.56
C PRO A 107 4.12 2.52 -5.88
N LYS A 108 4.63 1.97 -6.99
CA LYS A 108 3.99 2.18 -8.28
C LYS A 108 2.87 1.14 -8.44
N LEU A 109 1.68 1.61 -8.78
CA LEU A 109 0.56 0.74 -9.09
C LEU A 109 0.70 0.26 -10.53
N ALA A 110 1.22 -0.95 -10.68
CA ALA A 110 1.61 -1.48 -11.96
C ALA A 110 0.44 -1.95 -12.86
N PHE A 111 -0.51 -1.06 -13.13
CA PHE A 111 -1.64 -1.39 -14.01
C PHE A 111 -1.17 -2.03 -15.30
N GLU A 112 -0.10 -1.48 -15.88
CA GLU A 112 0.39 -1.89 -17.20
C GLU A 112 0.61 -3.40 -17.29
N ASN A 113 0.90 -4.01 -16.14
CA ASN A 113 0.99 -5.46 -16.02
C ASN A 113 -0.18 -6.21 -16.61
N VAL A 114 -1.36 -5.58 -16.60
CA VAL A 114 -2.58 -6.18 -17.15
C VAL A 114 -3.27 -5.17 -18.06
N PRO A 115 -3.08 -5.33 -19.36
CA PRO A 115 -3.61 -4.36 -20.33
C PRO A 115 -5.10 -4.20 -20.16
N GLY A 116 -5.54 -2.95 -20.12
CA GLY A 116 -6.93 -2.63 -19.90
C GLY A 116 -7.27 -2.40 -18.44
N SER A 117 -6.35 -2.77 -17.55
CA SER A 117 -6.69 -2.76 -16.12
C SER A 117 -6.62 -1.37 -15.47
N ASP A 118 -5.98 -0.42 -16.13
CA ASP A 118 -5.87 0.93 -15.60
C ASP A 118 -7.26 1.52 -15.42
N PRO A 119 -7.53 2.06 -14.24
CA PRO A 119 -8.84 2.64 -13.93
C PRO A 119 -9.30 3.70 -14.93
N HIS A 120 -8.38 4.24 -15.73
CA HIS A 120 -8.78 5.24 -16.72
C HIS A 120 -9.15 4.61 -18.05
N GLU A 121 -8.76 3.36 -18.25
CA GLU A 121 -8.99 2.68 -19.51
C GLU A 121 -10.18 1.72 -19.49
N GLY A 122 -10.84 1.59 -18.35
CA GLY A 122 -11.91 0.61 -18.24
C GLY A 122 -12.48 0.51 -16.85
N PRO A 123 -13.41 -0.46 -16.65
CA PRO A 123 -14.31 -0.54 -15.50
C PRO A 123 -13.65 -1.06 -14.23
N VAL A 124 -12.47 -1.66 -14.37
CA VAL A 124 -11.68 -2.10 -13.24
C VAL A 124 -11.03 -0.91 -12.51
N GLN A 125 -11.49 -0.67 -11.29
CA GLN A 125 -11.04 0.49 -10.54
C GLN A 125 -10.02 0.18 -9.44
N SER A 126 -9.74 1.20 -8.64
CA SER A 126 -8.70 1.12 -7.63
C SER A 126 -9.07 1.94 -6.39
N ILE A 127 -8.78 1.41 -5.21
CA ILE A 127 -9.02 2.12 -3.95
C ILE A 127 -7.72 2.37 -3.16
N CYS A 128 -6.58 2.36 -3.85
CA CYS A 128 -5.28 2.53 -3.22
C CYS A 128 -4.93 3.99 -2.94
N THR A 129 -5.49 4.90 -3.73
CA THR A 129 -5.32 6.33 -3.46
C THR A 129 -6.67 7.01 -3.37
N VAL A 130 -6.69 8.20 -2.79
CA VAL A 130 -7.95 8.91 -2.57
C VAL A 130 -8.55 9.36 -3.90
N ASP A 131 -7.70 9.75 -4.83
CA ASP A 131 -8.14 10.14 -6.15
C ASP A 131 -8.83 8.95 -6.80
N ALA A 132 -8.16 7.81 -6.75
CA ALA A 132 -8.63 6.58 -7.38
C ALA A 132 -9.90 6.04 -6.72
N ALA A 133 -9.96 6.12 -5.40
CA ALA A 133 -11.10 5.62 -4.66
C ALA A 133 -12.31 6.55 -4.84
N GLU A 134 -12.04 7.85 -5.01
CA GLU A 134 -13.09 8.79 -5.33
C GLU A 134 -13.61 8.41 -6.68
N ARG A 135 -12.70 7.95 -7.54
CA ARG A 135 -13.07 7.50 -8.87
C ARG A 135 -13.96 6.26 -8.74
N ALA A 136 -13.44 5.24 -8.07
CA ALA A 136 -14.21 4.03 -7.79
C ALA A 136 -15.65 4.35 -7.37
N PHE A 137 -15.79 5.24 -6.38
CA PHE A 137 -17.12 5.59 -5.90
C PHE A 137 -18.00 6.07 -7.05
N ALA A 138 -17.50 7.01 -7.82
CA ALA A 138 -18.21 7.50 -9.00
C ALA A 138 -18.77 6.35 -9.81
N GLU A 139 -17.89 5.42 -10.18
CA GLU A 139 -18.28 4.26 -10.99
C GLU A 139 -19.29 3.40 -10.24
N TYR A 140 -19.18 3.36 -8.92
CA TYR A 140 -20.10 2.61 -8.07
C TYR A 140 -21.53 3.14 -8.21
N GLN A 141 -21.66 4.46 -8.21
CA GLN A 141 -22.97 5.08 -8.38
C GLN A 141 -23.48 4.85 -9.79
N ALA A 142 -22.55 4.69 -10.72
CA ALA A 142 -22.91 4.38 -12.09
C ALA A 142 -23.53 3.00 -12.11
N LEU A 143 -22.95 2.10 -11.34
CA LEU A 143 -23.51 0.77 -11.14
C LEU A 143 -24.89 0.84 -10.48
N LEU A 144 -25.04 1.76 -9.54
CA LEU A 144 -26.30 1.90 -8.82
C LEU A 144 -27.42 2.26 -9.78
N ARG A 145 -27.22 3.33 -10.54
CA ARG A 145 -28.20 3.73 -11.54
C ARG A 145 -28.45 2.62 -12.57
N GLU A 146 -27.41 1.87 -12.90
CA GLU A 146 -27.52 0.83 -13.93
C GLU A 146 -26.80 -0.47 -13.55
N PRO A 147 -27.46 -1.30 -12.73
CA PRO A 147 -26.86 -2.50 -12.15
C PRO A 147 -26.37 -3.54 -13.17
N GLY A 148 -25.16 -4.03 -12.96
CA GLY A 148 -24.58 -5.09 -13.76
C GLY A 148 -23.67 -5.93 -12.88
N PRO A 149 -22.87 -6.81 -13.49
CA PRO A 149 -22.04 -7.74 -12.70
C PRO A 149 -20.95 -6.99 -11.90
N ILE A 150 -20.43 -7.64 -10.85
CA ILE A 150 -19.36 -7.05 -10.05
C ILE A 150 -18.14 -7.96 -9.91
N VAL A 151 -16.95 -7.43 -10.20
CA VAL A 151 -15.74 -8.18 -9.89
C VAL A 151 -14.77 -7.43 -8.99
N ILE A 152 -14.42 -8.08 -7.89
CA ILE A 152 -13.51 -7.51 -6.93
C ILE A 152 -12.43 -8.54 -6.61
N GLY A 153 -11.20 -8.05 -6.37
CA GLY A 153 -10.13 -8.91 -5.92
C GLY A 153 -8.73 -8.34 -6.01
N ALA A 154 -7.77 -9.25 -6.17
CA ALA A 154 -6.36 -8.90 -6.25
C ALA A 154 -5.73 -9.52 -7.49
N MET A 155 -5.02 -8.69 -8.25
CA MET A 155 -4.21 -9.14 -9.38
C MET A 155 -3.08 -10.09 -8.99
N ALA A 156 -2.55 -10.77 -10.00
CA ALA A 156 -1.32 -11.55 -9.86
C ALA A 156 -0.19 -10.62 -9.44
N GLY A 157 0.61 -11.02 -8.49
CA GLY A 157 1.74 -10.20 -8.10
C GLY A 157 1.40 -9.17 -7.04
N ALA A 158 0.11 -9.05 -6.73
CA ALA A 158 -0.33 -8.25 -5.59
C ALA A 158 0.31 -8.74 -4.28
N SER A 159 0.28 -7.87 -3.27
CA SER A 159 0.89 -8.20 -1.98
C SER A 159 0.02 -7.65 -0.87
N CYS A 160 -1.04 -6.95 -1.27
CA CYS A 160 -1.88 -6.23 -0.35
C CYS A 160 -3.33 -6.67 -0.48
N PHE A 161 -3.66 -7.80 0.14
CA PHE A 161 -4.93 -8.49 -0.12
C PHE A 161 -6.10 -8.03 0.73
N GLY A 162 -5.83 -7.73 1.99
CA GLY A 162 -6.83 -7.29 2.93
C GLY A 162 -7.88 -6.33 2.37
N PRO A 163 -7.42 -5.20 1.80
CA PRO A 163 -8.36 -4.19 1.31
C PRO A 163 -9.33 -4.71 0.25
N ALA A 164 -8.94 -5.75 -0.47
CA ALA A 164 -9.84 -6.35 -1.45
C ALA A 164 -11.04 -6.98 -0.74
N TYR A 165 -10.75 -7.89 0.19
CA TYR A 165 -11.78 -8.46 1.04
C TYR A 165 -12.62 -7.37 1.67
N GLU A 166 -11.96 -6.39 2.29
CA GLU A 166 -12.67 -5.32 2.96
C GLU A 166 -13.64 -4.68 1.98
N TYR A 167 -13.13 -4.32 0.80
CA TYR A 167 -13.93 -3.62 -0.18
C TYR A 167 -15.11 -4.47 -0.64
N ALA A 168 -14.86 -5.76 -0.86
CA ALA A 168 -15.94 -6.69 -1.25
C ALA A 168 -17.05 -6.70 -0.21
N MET A 169 -16.66 -6.83 1.06
CA MET A 169 -17.65 -6.90 2.12
C MET A 169 -18.41 -5.59 2.22
N ILE A 170 -17.70 -4.46 2.19
CA ILE A 170 -18.38 -3.19 2.41
C ILE A 170 -19.30 -2.83 1.25
N VAL A 171 -18.93 -3.25 0.06
CA VAL A 171 -19.79 -3.05 -1.09
C VAL A 171 -21.03 -3.92 -0.94
N ALA A 172 -20.83 -5.20 -0.70
CA ALA A 172 -21.93 -6.09 -0.35
C ALA A 172 -22.82 -5.41 0.69
N SER A 173 -22.21 -5.05 1.81
CA SER A 173 -22.92 -4.36 2.89
C SER A 173 -23.73 -3.18 2.34
N ASP A 174 -23.07 -2.29 1.61
CA ASP A 174 -23.69 -1.04 1.19
C ASP A 174 -24.87 -1.23 0.23
N LEU A 175 -24.80 -2.25 -0.61
CA LEU A 175 -25.91 -2.62 -1.47
C LEU A 175 -27.15 -2.94 -0.63
N LYS A 176 -27.01 -3.87 0.31
CA LYS A 176 -28.12 -4.23 1.18
C LYS A 176 -28.68 -2.97 1.84
N LYS A 177 -27.79 -2.20 2.48
CA LYS A 177 -28.19 -0.93 3.08
C LYS A 177 -28.78 0.02 2.04
N ARG A 178 -29.06 -0.50 0.84
CA ARG A 178 -29.80 0.23 -0.19
C ARG A 178 -30.82 -0.71 -0.80
N GLY A 179 -30.73 -1.98 -0.41
CA GLY A 179 -31.63 -3.01 -0.90
C GLY A 179 -31.32 -3.43 -2.32
N MET A 180 -30.40 -2.71 -2.96
CA MET A 180 -30.08 -2.92 -4.37
C MET A 180 -29.26 -4.18 -4.63
N ARG A 181 -28.95 -4.92 -3.55
CA ARG A 181 -28.11 -6.10 -3.65
C ARG A 181 -28.68 -7.15 -4.59
N ASP A 182 -29.99 -7.38 -4.50
CA ASP A 182 -30.64 -8.40 -5.31
C ASP A 182 -30.79 -7.93 -6.76
N LYS A 183 -30.36 -6.71 -7.04
CA LYS A 183 -30.32 -6.23 -8.41
C LYS A 183 -29.01 -6.60 -9.11
N ILE A 184 -28.13 -7.34 -8.42
CA ILE A 184 -26.83 -7.66 -8.99
C ILE A 184 -26.80 -9.05 -9.62
N PRO A 185 -26.48 -9.12 -10.93
CA PRO A 185 -26.42 -10.37 -11.71
C PRO A 185 -25.43 -11.37 -11.10
N SER A 186 -24.20 -10.93 -10.89
CA SER A 186 -23.21 -11.76 -10.25
C SER A 186 -22.17 -10.93 -9.48
N PHE A 187 -21.65 -11.51 -8.41
CA PHE A 187 -20.68 -10.87 -7.55
C PHE A 187 -19.52 -11.85 -7.37
N THR A 188 -18.38 -11.51 -7.95
CA THR A 188 -17.27 -12.46 -8.07
C THR A 188 -15.99 -11.94 -7.44
N PHE A 189 -15.25 -12.85 -6.81
CA PHE A 189 -14.02 -12.50 -6.16
C PHE A 189 -12.90 -13.25 -6.82
N ILE A 190 -11.89 -12.49 -7.25
CA ILE A 190 -10.77 -13.02 -8.02
C ILE A 190 -9.47 -12.66 -7.36
N THR A 191 -8.63 -13.66 -7.15
CA THR A 191 -7.41 -13.42 -6.39
C THR A 191 -6.28 -14.36 -6.79
N SER A 192 -5.08 -13.82 -6.76
CA SER A 192 -3.86 -14.56 -7.07
C SER A 192 -3.43 -15.49 -5.93
N GLU A 193 -4.04 -15.30 -4.76
CA GLU A 193 -3.89 -16.18 -3.60
C GLU A 193 -4.14 -17.64 -3.90
N PRO A 194 -3.29 -18.53 -3.38
CA PRO A 194 -3.48 -19.98 -3.58
C PRO A 194 -4.70 -20.51 -2.83
N TYR A 195 -5.20 -19.73 -1.88
CA TYR A 195 -6.46 -20.00 -1.20
C TYR A 195 -6.98 -18.72 -0.53
N ILE A 196 -8.28 -18.66 -0.28
CA ILE A 196 -8.88 -17.56 0.44
C ILE A 196 -8.27 -17.31 1.84
N GLY A 197 -8.00 -16.04 2.14
CA GLY A 197 -7.40 -15.65 3.38
C GLY A 197 -5.94 -16.06 3.53
N HIS A 198 -5.27 -16.28 2.40
CA HIS A 198 -3.83 -16.49 2.39
C HIS A 198 -3.15 -15.13 2.69
N LEU A 199 -3.70 -14.07 2.09
CA LEU A 199 -3.31 -12.70 2.36
C LEU A 199 -1.81 -12.46 2.12
N GLY A 200 -1.18 -13.37 1.40
CA GLY A 200 0.23 -13.25 1.08
C GLY A 200 1.15 -13.60 2.23
N ILE A 201 0.60 -14.24 3.26
CA ILE A 201 1.39 -14.63 4.42
C ILE A 201 1.10 -16.04 4.86
N GLN A 202 0.68 -16.88 3.92
CA GLN A 202 0.32 -18.26 4.25
C GLN A 202 -0.74 -18.33 5.35
N GLY A 203 -1.69 -17.39 5.34
CA GLY A 203 -2.75 -17.38 6.34
C GLY A 203 -2.32 -17.02 7.76
N VAL A 204 -3.22 -16.34 8.47
CA VAL A 204 -3.00 -15.94 9.84
C VAL A 204 -4.25 -16.27 10.65
N GLY A 205 -4.07 -17.00 11.76
CA GLY A 205 -5.19 -17.46 12.55
C GLY A 205 -6.12 -18.32 11.70
N ASP A 206 -7.43 -18.09 11.82
CA ASP A 206 -8.37 -18.74 10.92
C ASP A 206 -8.87 -17.80 9.81
N SER A 207 -7.94 -17.16 9.12
CA SER A 207 -8.32 -16.24 8.05
C SER A 207 -8.95 -16.98 6.88
N LYS A 208 -8.59 -18.26 6.71
CA LYS A 208 -9.14 -19.03 5.60
C LYS A 208 -10.63 -19.23 5.81
N GLY A 209 -10.96 -19.75 6.98
CA GLY A 209 -12.32 -20.07 7.33
C GLY A 209 -13.20 -18.84 7.46
N ILE A 210 -12.67 -17.78 8.05
CA ILE A 210 -13.52 -16.64 8.35
C ILE A 210 -13.82 -15.81 7.09
N LEU A 211 -12.83 -15.64 6.24
CA LEU A 211 -13.03 -14.93 4.98
C LEU A 211 -13.85 -15.76 4.00
N THR A 212 -13.58 -17.06 3.96
CA THR A 212 -14.31 -17.98 3.12
C THR A 212 -15.79 -17.92 3.44
N LYS A 213 -16.08 -17.93 4.74
CA LYS A 213 -17.45 -17.94 5.21
C LYS A 213 -18.11 -16.60 4.96
N GLY A 214 -17.36 -15.52 5.11
CA GLY A 214 -17.86 -14.19 4.85
C GLY A 214 -18.31 -14.01 3.42
N LEU A 215 -17.44 -14.34 2.48
CA LEU A 215 -17.79 -14.25 1.06
C LEU A 215 -19.02 -15.08 0.73
N LYS A 216 -19.19 -16.20 1.42
CA LYS A 216 -20.35 -17.05 1.19
C LYS A 216 -21.62 -16.38 1.74
N GLU A 217 -21.55 -15.89 2.97
CA GLU A 217 -22.68 -15.19 3.59
C GLU A 217 -23.19 -14.03 2.74
N GLU A 218 -22.32 -13.50 1.90
CA GLU A 218 -22.67 -12.32 1.12
C GLU A 218 -23.01 -12.67 -0.34
N GLY A 219 -23.02 -13.96 -0.66
CA GLY A 219 -23.33 -14.44 -2.00
C GLY A 219 -22.30 -14.04 -3.04
N ILE A 220 -21.04 -14.11 -2.64
CA ILE A 220 -19.91 -13.78 -3.50
C ILE A 220 -19.14 -15.05 -3.84
N GLU A 221 -19.07 -15.37 -5.13
CA GLU A 221 -18.37 -16.55 -5.61
C GLU A 221 -16.88 -16.21 -5.69
N ALA A 222 -16.05 -17.14 -5.25
CA ALA A 222 -14.64 -16.87 -5.08
C ALA A 222 -13.76 -17.85 -5.83
N TYR A 223 -12.84 -17.32 -6.63
CA TYR A 223 -11.88 -18.15 -7.34
C TYR A 223 -10.48 -17.76 -6.90
N THR A 224 -9.62 -18.77 -6.77
CA THR A 224 -8.26 -18.58 -6.32
C THR A 224 -7.27 -19.11 -7.36
N ASN A 225 -6.00 -18.70 -7.25
CA ASN A 225 -5.00 -19.11 -8.22
C ASN A 225 -5.33 -18.55 -9.59
N CYS A 226 -5.76 -17.31 -9.59
CA CYS A 226 -6.15 -16.63 -10.81
C CYS A 226 -5.20 -15.50 -11.16
N LYS A 227 -5.03 -15.27 -12.46
CA LYS A 227 -4.43 -14.04 -12.94
C LYS A 227 -5.30 -13.51 -14.06
N VAL A 228 -5.47 -12.19 -14.09
CA VAL A 228 -6.13 -11.53 -15.19
C VAL A 228 -5.15 -11.30 -16.34
N THR A 229 -5.40 -11.88 -17.51
CA THR A 229 -4.50 -11.67 -18.65
C THR A 229 -4.72 -10.31 -19.29
N LYS A 230 -5.95 -9.81 -19.24
CA LYS A 230 -6.28 -8.53 -19.83
C LYS A 230 -7.72 -8.16 -19.53
N VAL A 231 -7.99 -6.86 -19.43
CA VAL A 231 -9.35 -6.35 -19.38
C VAL A 231 -9.62 -5.76 -20.75
N GLU A 232 -10.81 -5.97 -21.29
CA GLU A 232 -11.10 -5.57 -22.66
C GLU A 232 -12.56 -5.74 -23.03
N ASP A 233 -13.15 -4.69 -23.59
CA ASP A 233 -14.58 -4.67 -23.93
C ASP A 233 -15.41 -4.81 -22.69
N ASN A 234 -14.94 -4.23 -21.58
CA ASN A 234 -15.61 -4.40 -20.29
C ASN A 234 -15.69 -5.86 -19.87
N LYS A 235 -14.70 -6.64 -20.27
CA LYS A 235 -14.66 -8.05 -19.91
C LYS A 235 -13.30 -8.40 -19.35
N MET A 236 -13.32 -9.20 -18.29
CA MET A 236 -12.10 -9.56 -17.60
C MET A 236 -11.70 -10.98 -17.98
N TYR A 237 -10.61 -11.09 -18.72
CA TYR A 237 -10.08 -12.38 -19.13
C TYR A 237 -9.21 -12.95 -18.02
N VAL A 238 -9.55 -14.15 -17.56
CA VAL A 238 -8.97 -14.72 -16.35
C VAL A 238 -8.47 -16.13 -16.56
N THR A 239 -7.22 -16.37 -16.19
CA THR A 239 -6.67 -17.71 -16.25
C THR A 239 -6.48 -18.27 -14.83
N GLN A 240 -6.98 -19.47 -14.61
CA GLN A 240 -6.84 -20.16 -13.32
C GLN A 240 -5.88 -21.33 -13.43
N VAL A 241 -4.99 -21.46 -12.45
CA VAL A 241 -4.02 -22.55 -12.47
C VAL A 241 -4.11 -23.53 -11.29
N ASP A 242 -3.34 -24.61 -11.43
CA ASP A 242 -3.20 -25.60 -10.38
C ASP A 242 -1.85 -25.39 -9.70
N GLU A 243 -1.54 -26.25 -8.73
CA GLU A 243 -0.32 -26.13 -7.92
C GLU A 243 0.98 -26.18 -8.73
N LYS A 244 0.87 -26.50 -10.02
CA LYS A 244 2.06 -26.63 -10.86
C LYS A 244 2.10 -25.55 -11.92
N GLY A 245 1.00 -24.83 -12.07
CA GLY A 245 0.94 -23.73 -13.01
C GLY A 245 0.16 -24.04 -14.28
N GLU A 246 -0.04 -25.32 -14.57
CA GLU A 246 -0.87 -25.70 -15.71
C GLU A 246 -2.22 -25.02 -15.58
N THR A 247 -2.93 -24.85 -16.69
CA THR A 247 -4.21 -24.16 -16.68
C THR A 247 -5.32 -25.15 -16.33
N ILE A 248 -6.21 -24.76 -15.43
CA ILE A 248 -7.35 -25.61 -15.10
C ILE A 248 -8.60 -25.01 -15.68
N LYS A 249 -8.58 -23.71 -15.93
CA LYS A 249 -9.62 -23.10 -16.74
C LYS A 249 -9.37 -21.64 -17.12
N GLU A 250 -10.22 -21.13 -17.99
CA GLU A 250 -10.12 -19.75 -18.44
C GLU A 250 -11.52 -19.17 -18.44
N MET A 251 -11.62 -17.95 -17.93
CA MET A 251 -12.92 -17.32 -17.82
C MET A 251 -12.95 -16.00 -18.57
N VAL A 252 -14.16 -15.61 -18.97
CA VAL A 252 -14.38 -14.27 -19.45
C VAL A 252 -15.51 -13.71 -18.61
N LEU A 253 -15.15 -12.74 -17.78
CA LEU A 253 -16.09 -12.13 -16.88
C LEU A 253 -16.47 -10.74 -17.36
N PRO A 254 -17.75 -10.55 -17.70
CA PRO A 254 -18.27 -9.21 -17.92
C PRO A 254 -18.18 -8.41 -16.63
N VAL A 255 -17.70 -7.18 -16.71
CA VAL A 255 -17.60 -6.30 -15.55
C VAL A 255 -18.37 -5.01 -15.79
N LYS A 256 -19.26 -4.66 -14.86
CA LYS A 256 -19.90 -3.34 -14.91
C LYS A 256 -19.27 -2.45 -13.84
N PHE A 257 -18.89 -3.06 -12.74
CA PHE A 257 -18.17 -2.36 -11.67
C PHE A 257 -17.17 -3.28 -11.00
N GLY A 258 -15.90 -2.87 -11.02
CA GLY A 258 -14.84 -3.72 -10.48
C GLY A 258 -13.69 -2.99 -9.83
N MET A 259 -13.00 -3.72 -8.97
CA MET A 259 -11.86 -3.20 -8.25
C MET A 259 -10.92 -4.37 -8.03
N MET A 260 -9.69 -4.23 -8.50
CA MET A 260 -8.68 -5.27 -8.37
C MET A 260 -7.43 -4.65 -7.77
N ILE A 261 -6.88 -5.31 -6.78
CA ILE A 261 -5.65 -4.79 -6.19
C ILE A 261 -4.52 -5.09 -7.15
N PRO A 262 -3.90 -4.03 -7.65
CA PRO A 262 -2.80 -4.13 -8.61
C PRO A 262 -1.50 -4.58 -7.95
N ALA A 263 -0.58 -5.11 -8.74
CA ALA A 263 0.77 -5.36 -8.23
C ALA A 263 1.54 -4.04 -7.98
N PHE A 264 2.38 -4.05 -6.96
CA PHE A 264 3.21 -2.88 -6.66
C PHE A 264 4.59 -3.04 -7.30
N LYS A 265 5.03 -1.99 -7.98
CA LYS A 265 6.42 -1.87 -8.39
C LYS A 265 7.07 -0.66 -7.72
N GLY A 266 8.40 -0.60 -7.72
CA GLY A 266 9.09 0.62 -7.36
C GLY A 266 8.71 1.72 -8.34
N VAL A 267 8.62 2.95 -7.86
CA VAL A 267 8.36 4.09 -8.74
C VAL A 267 9.53 4.35 -9.71
N PRO A 268 9.24 4.96 -10.86
CA PRO A 268 10.24 5.14 -11.92
C PRO A 268 11.53 5.83 -11.45
N ALA A 269 11.40 7.00 -10.84
CA ALA A 269 12.58 7.78 -10.46
C ALA A 269 13.54 6.96 -9.63
N VAL A 270 12.99 6.09 -8.79
CA VAL A 270 13.80 5.27 -7.91
C VAL A 270 14.29 4.00 -8.61
N ALA A 271 13.39 3.30 -9.28
CA ALA A 271 13.76 2.14 -10.08
C ALA A 271 14.80 2.50 -11.16
N GLY A 272 14.76 3.75 -11.62
CA GLY A 272 15.69 4.23 -12.63
C GLY A 272 17.16 4.34 -12.21
N VAL A 273 17.40 4.55 -10.91
CA VAL A 273 18.77 4.64 -10.41
C VAL A 273 19.51 3.32 -10.60
N GLU A 274 20.59 3.36 -11.38
CA GLU A 274 21.36 2.17 -11.69
C GLU A 274 21.98 1.49 -10.47
N GLY A 275 21.67 0.21 -10.32
CA GLY A 275 22.25 -0.61 -9.28
C GLY A 275 21.56 -0.48 -7.95
N LEU A 276 20.57 0.41 -7.90
CA LEU A 276 19.90 0.71 -6.64
C LEU A 276 18.90 -0.37 -6.20
N CYS A 277 18.23 -0.96 -7.19
CA CYS A 277 16.98 -1.69 -6.97
C CYS A 277 17.01 -3.07 -7.62
N ASN A 278 16.09 -3.94 -7.20
CA ASN A 278 15.89 -5.19 -7.91
C ASN A 278 15.03 -4.97 -9.15
N PRO A 279 14.78 -6.03 -9.93
CA PRO A 279 14.01 -5.82 -11.17
C PRO A 279 12.60 -5.28 -10.91
N GLY A 280 12.06 -5.52 -9.71
CA GLY A 280 10.78 -4.95 -9.34
C GLY A 280 10.81 -3.45 -9.12
N GLY A 281 12.02 -2.91 -8.93
CA GLY A 281 12.20 -1.51 -8.65
C GLY A 281 12.22 -1.24 -7.16
N PHE A 282 12.57 -2.27 -6.39
CA PHE A 282 12.62 -2.12 -4.94
C PHE A 282 14.04 -2.01 -4.44
N VAL A 283 14.25 -1.04 -3.56
CA VAL A 283 15.60 -0.68 -3.13
C VAL A 283 16.19 -1.76 -2.25
N LEU A 284 17.38 -2.22 -2.65
CA LEU A 284 18.07 -3.25 -1.91
C LEU A 284 18.86 -2.66 -0.74
N VAL A 285 18.25 -2.71 0.44
CA VAL A 285 18.84 -2.17 1.67
C VAL A 285 19.37 -3.28 2.58
N ASP A 286 20.20 -2.90 3.53
CA ASP A 286 20.68 -3.84 4.54
C ASP A 286 19.79 -3.76 5.79
N GLU A 287 20.15 -4.48 6.84
CA GLU A 287 19.34 -4.50 8.05
C GLU A 287 19.27 -3.14 8.74
N HIS A 288 20.14 -2.22 8.32
CA HIS A 288 20.16 -0.87 8.88
C HIS A 288 19.39 0.13 8.02
N GLN A 289 18.72 -0.39 6.99
CA GLN A 289 17.90 0.40 6.06
C GLN A 289 18.74 1.22 5.09
N ARG A 290 20.02 0.89 4.97
CA ARG A 290 20.92 1.57 4.06
C ARG A 290 21.04 0.78 2.76
N SER A 291 21.02 1.48 1.64
CA SER A 291 21.25 0.86 0.35
C SER A 291 22.59 0.12 0.33
N LYS A 292 22.65 -0.98 -0.40
CA LYS A 292 23.88 -1.76 -0.52
C LYS A 292 24.83 -1.17 -1.57
N LYS A 293 24.33 -0.18 -2.31
CA LYS A 293 25.08 0.39 -3.44
C LYS A 293 25.39 1.87 -3.24
N TYR A 294 24.69 2.53 -2.34
CA TYR A 294 24.99 3.92 -1.99
C TYR A 294 24.88 4.18 -0.50
N ALA A 295 26.01 4.54 0.10
CA ALA A 295 26.11 4.62 1.55
C ALA A 295 25.31 5.77 2.12
N ASN A 296 24.98 6.75 1.28
CA ASN A 296 24.25 7.92 1.75
C ASN A 296 22.82 7.92 1.25
N ILE A 297 22.39 6.75 0.78
CA ILE A 297 20.97 6.53 0.51
C ILE A 297 20.33 5.49 1.43
N PHE A 298 19.31 5.92 2.16
CA PHE A 298 18.51 4.98 2.96
C PHE A 298 17.12 4.84 2.37
N ALA A 299 16.44 3.75 2.71
CA ALA A 299 15.09 3.51 2.22
C ALA A 299 14.22 2.89 3.30
N ALA A 300 12.98 3.33 3.35
CA ALA A 300 12.00 2.71 4.24
C ALA A 300 10.66 2.60 3.53
N GLY A 301 9.83 1.67 4.03
CA GLY A 301 8.46 1.52 3.55
C GLY A 301 8.27 0.50 2.45
N ILE A 302 7.20 0.66 1.69
CA ILE A 302 6.94 -0.28 0.59
C ILE A 302 8.04 -0.22 -0.46
N ALA A 303 8.80 0.87 -0.45
CA ALA A 303 9.83 1.13 -1.46
C ALA A 303 11.01 0.17 -1.36
N ILE A 304 11.24 -0.38 -0.19
CA ILE A 304 12.38 -1.27 0.03
C ILE A 304 12.05 -2.67 -0.43
N ALA A 305 13.09 -3.44 -0.76
CA ALA A 305 12.92 -4.82 -1.19
C ALA A 305 12.94 -5.75 0.02
N ILE A 306 12.10 -6.78 -0.02
CA ILE A 306 12.09 -7.83 1.01
C ILE A 306 12.00 -9.17 0.32
N PRO A 307 12.94 -10.07 0.62
CA PRO A 307 12.97 -11.35 -0.08
C PRO A 307 11.73 -12.18 0.26
N PRO A 308 11.22 -12.92 -0.74
CA PRO A 308 10.06 -13.81 -0.66
C PRO A 308 10.41 -15.07 0.14
N VAL A 309 9.44 -15.63 0.84
CA VAL A 309 9.71 -16.80 1.66
C VAL A 309 9.03 -18.02 1.08
N GLU A 310 8.17 -17.77 0.11
CA GLU A 310 7.34 -18.81 -0.48
C GLU A 310 7.03 -18.45 -1.91
N THR A 311 6.91 -19.45 -2.76
CA THR A 311 6.59 -19.17 -4.14
C THR A 311 5.24 -19.81 -4.51
N THR A 312 4.25 -18.96 -4.73
CA THR A 312 2.89 -19.43 -5.00
C THR A 312 2.61 -19.65 -6.49
N PRO A 313 1.66 -20.54 -6.80
CA PRO A 313 1.36 -20.98 -8.18
C PRO A 313 1.16 -19.78 -9.12
N VAL A 314 0.36 -18.83 -8.67
CA VAL A 314 0.29 -17.52 -9.28
C VAL A 314 1.05 -16.54 -8.38
N PRO A 315 1.90 -15.71 -8.99
CA PRO A 315 2.77 -14.77 -8.26
C PRO A 315 2.01 -13.91 -7.27
N THR A 316 2.51 -13.90 -6.04
CA THR A 316 1.95 -13.08 -4.96
C THR A 316 3.11 -12.58 -4.12
N GLY A 317 2.92 -11.46 -3.43
CA GLY A 317 3.90 -11.01 -2.46
C GLY A 317 3.36 -10.82 -1.05
N ALA A 318 4.26 -10.68 -0.08
CA ALA A 318 3.92 -10.31 1.30
C ALA A 318 3.76 -8.80 1.49
N PRO A 319 2.75 -8.41 2.27
CA PRO A 319 2.49 -6.98 2.49
C PRO A 319 3.52 -6.33 3.40
N LYS A 320 3.65 -5.03 3.29
CA LYS A 320 4.53 -4.24 4.12
C LYS A 320 3.60 -3.28 4.83
N THR A 321 3.49 -3.44 6.14
CA THR A 321 2.43 -2.72 6.86
C THR A 321 2.94 -1.71 7.88
N GLY A 322 2.00 -0.90 8.38
CA GLY A 322 2.28 0.24 9.22
C GLY A 322 3.40 0.07 10.22
N TYR A 323 3.17 -0.78 11.23
CA TYR A 323 4.09 -0.87 12.36
C TYR A 323 5.54 -1.14 11.94
N MET A 324 5.72 -2.02 10.97
CA MET A 324 7.05 -2.38 10.49
C MET A 324 7.67 -1.24 9.70
N ILE A 325 6.83 -0.43 9.05
CA ILE A 325 7.31 0.72 8.32
C ILE A 325 7.84 1.79 9.28
N GLU A 326 7.18 1.94 10.42
CA GLU A 326 7.65 2.86 11.43
C GLU A 326 9.00 2.41 11.97
N SER A 327 9.16 1.12 12.20
CA SER A 327 10.44 0.61 12.64
C SER A 327 11.51 0.94 11.63
N MET A 328 11.20 0.72 10.36
CA MET A 328 12.11 1.07 9.28
C MET A 328 12.51 2.55 9.35
N VAL A 329 11.50 3.42 9.37
CA VAL A 329 11.76 4.85 9.49
C VAL A 329 12.74 5.17 10.62
N SER A 330 12.33 4.86 11.84
CA SER A 330 13.09 5.21 13.02
C SER A 330 14.52 4.64 12.99
N ALA A 331 14.67 3.42 12.48
CA ALA A 331 16.01 2.86 12.40
C ALA A 331 16.86 3.76 11.50
N ALA A 332 16.39 3.95 10.26
CA ALA A 332 17.08 4.76 9.27
C ALA A 332 17.44 6.15 9.82
N VAL A 333 16.49 6.77 10.51
CA VAL A 333 16.74 8.06 11.13
C VAL A 333 17.93 7.96 12.09
N HIS A 334 17.91 6.96 12.97
CA HIS A 334 18.99 6.74 13.93
C HIS A 334 20.34 6.47 13.26
N ASN A 335 20.34 5.63 12.24
CA ASN A 335 21.57 5.29 11.54
C ASN A 335 22.18 6.47 10.74
N ILE A 336 21.33 7.40 10.34
CA ILE A 336 21.75 8.60 9.62
C ILE A 336 22.34 9.64 10.57
N LYS A 337 21.63 9.90 11.67
CA LYS A 337 22.13 10.76 12.72
C LYS A 337 23.47 10.23 13.19
N ALA A 338 23.58 8.91 13.26
CA ALA A 338 24.82 8.27 13.68
C ALA A 338 25.90 8.52 12.64
N ASP A 339 25.49 8.63 11.38
CA ASP A 339 26.46 8.90 10.33
C ASP A 339 27.01 10.33 10.37
N LEU A 340 26.23 11.28 10.88
CA LEU A 340 26.67 12.65 11.03
C LEU A 340 27.36 12.86 12.37
N GLU A 341 27.76 11.75 13.00
CA GLU A 341 28.34 11.81 14.35
C GLU A 341 29.47 10.79 14.56
N GLY A 342 29.96 10.21 13.47
CA GLY A 342 31.09 9.30 13.56
C GLY A 342 30.74 7.83 13.65
N ARG A 343 29.72 7.50 14.45
CA ARG A 343 29.36 6.12 14.67
C ARG A 343 28.75 5.52 13.41
N LYS A 344 28.84 4.21 13.29
CA LYS A 344 27.94 3.50 12.39
C LYS A 344 26.70 3.20 13.23
N GLY A 345 25.52 3.41 12.65
CA GLY A 345 24.28 3.11 13.32
C GLY A 345 24.07 1.62 13.43
N GLU A 346 23.66 1.17 14.61
CA GLU A 346 23.50 -0.25 14.86
C GLU A 346 22.04 -0.66 14.81
N GLN A 347 21.16 0.33 14.75
CA GLN A 347 19.72 0.10 14.87
C GLN A 347 19.09 -0.59 13.66
N THR A 348 18.10 -1.45 13.92
CA THR A 348 17.46 -2.22 12.86
C THR A 348 15.94 -2.09 12.82
N MET A 349 15.35 -2.64 11.78
CA MET A 349 13.91 -2.60 11.56
C MET A 349 13.24 -3.37 12.66
N GLY A 350 13.84 -4.50 13.00
CA GLY A 350 13.28 -5.37 14.00
C GLY A 350 12.86 -6.69 13.39
N THR A 351 11.98 -7.39 14.10
CA THR A 351 11.46 -8.66 13.63
C THR A 351 10.41 -8.39 12.58
N TRP A 352 10.46 -9.13 11.48
CA TRP A 352 9.44 -9.01 10.43
C TRP A 352 8.05 -9.28 11.00
N ASN A 353 7.09 -8.45 10.60
CA ASN A 353 5.72 -8.64 11.05
C ASN A 353 4.72 -7.97 10.12
N ALA A 354 3.48 -8.44 10.22
CA ALA A 354 2.35 -7.85 9.51
C ALA A 354 1.15 -7.62 10.43
N VAL A 355 0.62 -6.40 10.38
CA VAL A 355 -0.52 -5.98 11.19
C VAL A 355 -1.46 -5.24 10.27
N CYS A 356 -2.72 -5.63 10.27
CA CYS A 356 -3.71 -5.02 9.39
C CYS A 356 -5.05 -4.93 10.09
N PHE A 357 -5.79 -3.89 9.77
CA PHE A 357 -7.09 -3.64 10.38
C PHE A 357 -8.10 -3.30 9.31
N ALA A 358 -9.22 -4.01 9.33
CA ALA A 358 -10.29 -3.74 8.39
C ALA A 358 -11.57 -3.46 9.16
N ASP A 359 -12.22 -2.37 8.82
CA ASP A 359 -13.46 -2.00 9.45
C ASP A 359 -14.60 -2.25 8.48
N MET A 360 -15.55 -3.08 8.88
CA MET A 360 -16.69 -3.36 8.01
C MET A 360 -17.89 -2.47 8.30
N GLY A 361 -17.78 -1.63 9.33
CA GLY A 361 -18.85 -0.70 9.65
C GLY A 361 -19.16 -0.60 11.13
N ASP A 362 -19.71 -1.67 11.70
CA ASP A 362 -19.95 -1.75 13.14
C ASP A 362 -18.82 -2.49 13.84
N ARG A 363 -18.26 -3.49 13.16
CA ARG A 363 -17.13 -4.23 13.70
C ARG A 363 -16.05 -4.42 12.65
N GLY A 364 -14.91 -4.96 13.06
CA GLY A 364 -13.79 -5.08 12.17
C GLY A 364 -13.03 -6.37 12.25
N ALA A 365 -12.09 -6.53 11.32
CA ALA A 365 -11.19 -7.66 11.32
C ALA A 365 -9.77 -7.15 11.46
N ALA A 366 -8.94 -7.91 12.16
CA ALA A 366 -7.54 -7.56 12.30
C ALA A 366 -6.70 -8.81 12.46
N PHE A 367 -5.45 -8.72 12.03
CA PHE A 367 -4.50 -9.78 12.30
C PHE A 367 -3.13 -9.23 12.69
N ILE A 368 -2.41 -10.04 13.46
CA ILE A 368 -1.01 -9.79 13.76
C ILE A 368 -0.28 -11.07 13.44
N ALA A 369 0.74 -11.00 12.62
CA ALA A 369 1.59 -12.17 12.40
C ALA A 369 3.07 -11.82 12.52
N LEU A 370 3.79 -12.56 13.33
CA LEU A 370 5.25 -12.50 13.30
C LEU A 370 5.90 -13.75 13.87
N PRO A 371 7.09 -14.10 13.36
CA PRO A 371 7.73 -13.42 12.23
C PRO A 371 7.14 -13.96 10.93
N GLN A 372 7.87 -13.89 9.83
CA GLN A 372 7.29 -14.21 8.53
C GLN A 372 7.03 -15.71 8.29
N LEU A 373 7.92 -16.58 8.75
CA LEU A 373 7.74 -18.03 8.55
C LEU A 373 7.07 -18.75 9.74
N LYS A 374 6.13 -19.63 9.42
CA LYS A 374 5.55 -20.55 10.41
C LYS A 374 6.53 -21.67 10.75
N PRO A 375 6.41 -22.23 11.96
CA PRO A 375 5.47 -21.71 12.97
C PRO A 375 5.92 -20.36 13.54
N ARG A 376 4.96 -19.44 13.67
CA ARG A 376 5.19 -18.08 14.15
C ARG A 376 5.22 -18.00 15.67
N LYS A 377 5.58 -16.82 16.19
CA LYS A 377 5.52 -16.56 17.61
C LYS A 377 4.19 -15.90 17.94
N VAL A 378 3.65 -15.17 16.97
CA VAL A 378 2.30 -14.62 17.07
C VAL A 378 1.54 -14.84 15.78
N ASP A 379 0.42 -15.54 15.87
CA ASP A 379 -0.41 -15.79 14.70
C ASP A 379 -1.87 -15.57 15.05
N VAL A 380 -2.35 -14.34 14.92
CA VAL A 380 -3.69 -14.04 15.41
C VAL A 380 -4.59 -13.30 14.41
N PHE A 381 -5.80 -13.83 14.24
CA PHE A 381 -6.83 -13.16 13.47
C PHE A 381 -8.04 -12.87 14.35
N ALA A 382 -8.50 -11.62 14.35
CA ALA A 382 -9.62 -11.25 15.21
C ALA A 382 -10.73 -10.48 14.49
N TYR A 383 -11.95 -10.68 14.96
CA TYR A 383 -13.10 -9.96 14.44
C TYR A 383 -13.84 -9.47 15.67
N GLY A 384 -14.58 -8.37 15.56
CA GLY A 384 -15.26 -7.79 16.70
C GLY A 384 -15.47 -6.29 16.61
N ARG A 385 -16.47 -5.80 17.33
CA ARG A 385 -16.76 -4.37 17.37
C ARG A 385 -15.53 -3.62 17.84
N TRP A 386 -14.79 -4.22 18.76
CA TRP A 386 -13.65 -3.57 19.36
C TRP A 386 -12.56 -3.23 18.35
N VAL A 387 -12.47 -4.03 17.29
CA VAL A 387 -11.53 -3.76 16.19
C VAL A 387 -11.95 -2.48 15.48
N HIS A 388 -13.23 -2.38 15.15
CA HIS A 388 -13.79 -1.12 14.64
C HIS A 388 -13.42 0.08 15.51
N LEU A 389 -13.70 -0.01 16.81
CA LEU A 389 -13.32 1.06 17.73
C LEU A 389 -11.86 1.45 17.58
N ALA A 390 -10.99 0.45 17.54
CA ALA A 390 -9.55 0.68 17.43
C ALA A 390 -9.12 1.37 16.13
N LYS A 391 -9.69 0.95 15.00
CA LYS A 391 -9.38 1.56 13.72
C LYS A 391 -9.72 3.05 13.77
N VAL A 392 -10.96 3.35 14.15
CA VAL A 392 -11.38 4.74 14.34
C VAL A 392 -10.44 5.55 15.23
N ALA A 393 -10.03 4.97 16.34
CA ALA A 393 -9.13 5.66 17.26
C ALA A 393 -7.73 5.84 16.67
N PHE A 394 -7.26 4.84 15.95
CA PHE A 394 -5.92 4.88 15.39
C PHE A 394 -5.86 5.88 14.23
N GLU A 395 -6.93 5.95 13.46
CA GLU A 395 -7.00 6.91 12.38
C GLU A 395 -6.97 8.33 12.97
N LYS A 396 -7.72 8.53 14.04
CA LYS A 396 -7.76 9.85 14.67
C LYS A 396 -6.39 10.22 15.20
N TYR A 397 -5.74 9.26 15.85
CA TYR A 397 -4.42 9.42 16.43
C TYR A 397 -3.36 9.77 15.39
N PHE A 398 -3.28 8.94 14.35
CA PHE A 398 -2.23 9.09 13.35
C PHE A 398 -2.32 10.44 12.65
N ILE A 399 -3.54 10.86 12.32
CA ILE A 399 -3.75 12.13 11.64
C ILE A 399 -3.34 13.31 12.51
N ARG A 400 -3.61 13.21 13.81
CA ARG A 400 -3.20 14.27 14.73
C ARG A 400 -1.68 14.36 14.77
N LYS A 401 -1.02 13.22 14.98
CA LYS A 401 0.44 13.17 14.99
C LYS A 401 1.05 13.80 13.74
N MET A 402 0.44 13.53 12.59
CA MET A 402 0.96 14.06 11.34
C MET A 402 0.76 15.56 11.22
N LYS A 403 0.11 16.14 12.22
CA LYS A 403 -0.01 17.59 12.26
C LYS A 403 0.86 18.19 13.36
N MET A 404 0.98 17.46 14.47
CA MET A 404 1.70 17.93 15.65
C MET A 404 3.20 17.63 15.62
N GLY A 405 3.58 16.54 14.97
CA GLY A 405 4.97 16.11 14.98
C GLY A 405 5.18 14.80 15.73
N VAL A 406 6.37 14.23 15.58
CA VAL A 406 6.69 12.94 16.17
C VAL A 406 8.10 12.98 16.75
N SER A 407 8.40 12.03 17.63
CA SER A 407 9.70 11.93 18.26
C SER A 407 9.88 10.59 18.97
PA FAD B . 2.95 5.77 0.73
O1A FAD B . 2.08 5.55 -0.48
O2A FAD B . 2.10 6.04 1.94
O5B FAD B . 3.89 7.05 0.46
C5B FAD B . 4.71 7.19 -0.68
C4B FAD B . 4.77 8.67 -0.96
O4B FAD B . 5.75 8.95 -1.93
C3B FAD B . 3.44 9.18 -1.51
O3B FAD B . 3.16 10.39 -0.84
C2B FAD B . 3.71 9.43 -2.98
O2B FAD B . 2.95 10.52 -3.45
C1B FAD B . 5.19 9.75 -2.96
N9A FAD B . 5.93 9.59 -4.24
C8A FAD B . 5.96 8.51 -5.09
N7A FAD B . 6.77 8.81 -6.13
C5A FAD B . 7.28 10.05 -5.94
C6A FAD B . 8.15 10.87 -6.68
N6A FAD B . 8.62 10.48 -7.86
N1A FAD B . 8.47 12.13 -6.22
C2A FAD B . 7.92 12.58 -5.04
N3A FAD B . 7.06 11.79 -4.32
C4A FAD B . 6.74 10.55 -4.76
N1 FAD B . -1.07 -0.94 6.47
C2 FAD B . -1.43 -1.03 7.80
O2 FAD B . -0.57 -1.32 8.63
N3 FAD B . -2.76 -1.17 8.13
C4 FAD B . -3.73 -1.16 7.14
O4 FAD B . -4.92 -1.28 7.44
C4X FAD B . -3.37 -0.73 5.88
N5 FAD B . -4.35 -0.51 4.93
C5X FAD B . -3.99 -0.50 3.60
C6 FAD B . -4.97 -0.21 2.67
C7 FAD B . -4.62 -0.10 1.34
C7M FAD B . -5.67 0.41 0.37
C8 FAD B . -3.28 -0.09 0.96
C8M FAD B . -2.90 0.48 -0.38
C9 FAD B . -2.29 -0.32 1.91
C9A FAD B . -2.65 -0.44 3.25
N10 FAD B . -1.66 -0.47 4.21
C10 FAD B . -2.03 -0.61 5.53
C1' FAD B . -0.25 -0.78 3.79
C2' FAD B . 0.70 0.42 3.94
O2' FAD B . 0.87 0.75 5.30
C3' FAD B . 0.28 1.68 3.18
O3' FAD B . 0.27 1.45 1.78
C4' FAD B . 1.24 2.82 3.54
O4' FAD B . 0.75 4.04 3.05
C5' FAD B . 2.64 2.54 3.02
O5' FAD B . 3.44 3.67 3.27
P FAD B . 4.69 4.13 2.35
O1P FAD B . 5.32 5.32 3.03
O2P FAD B . 5.68 3.00 2.22
O3P FAD B . 4.00 4.55 0.93
C1B LMT C . -18.11 -14.73 15.60
C2B LMT C . -19.25 -14.77 16.55
C3B LMT C . -19.32 -13.54 17.34
C4B LMT C . -18.01 -13.18 17.98
C5B LMT C . -16.83 -13.32 17.06
C6B LMT C . -15.54 -13.06 17.77
O1B LMT C . -18.27 -13.66 14.75
O2B LMT C . -20.49 -15.02 15.85
O3B LMT C . -20.30 -13.70 18.37
O4' LMT C . -18.04 -11.84 18.43
O5B LMT C . -16.83 -14.57 16.37
O6B LMT C . -14.38 -12.97 16.98
C1' LMT C . -18.10 -12.86 10.71
C2' LMT C . -19.40 -13.37 11.27
C3' LMT C . -19.42 -13.39 12.75
C4' LMT C . -18.36 -14.09 13.36
C5' LMT C . -17.01 -13.91 12.70
C6' LMT C . -16.32 -15.21 12.71
O1' LMT C . -18.01 -13.16 9.38
O2' LMT C . -20.43 -12.50 10.88
O3' LMT C . -20.66 -13.99 13.18
O5' LMT C . -16.95 -13.38 11.29
O6' LMT C . -15.25 -15.32 13.61
C1 LMT C . -17.57 -12.17 8.51
C2 LMT C . -16.17 -11.59 8.71
C3 LMT C . -15.32 -11.40 7.45
C4 LMT C . -14.73 -10.02 7.16
C5 LMT C . -13.88 -9.86 5.94
C6 LMT C . -12.40 -9.52 6.19
C7 LMT C . -11.83 -8.24 5.58
C8 LMT C . -10.31 -8.06 5.72
C9 LMT C . -9.53 -9.19 6.41
C10 LMT C . -8.04 -9.02 6.58
C11 LMT C . -7.55 -7.65 6.99
C12 LMT C . -7.68 -7.22 8.40
S H2S D . -1.45 -4.26 2.43
S1 S2H E . -3.58 -4.62 5.18
S2 S2H E . -3.38 -6.34 4.09
#